data_3DB0
#
_entry.id   3DB0
#
_cell.length_a   92.160
_cell.length_b   42.230
_cell.length_c   62.020
_cell.angle_alpha   90.000
_cell.angle_beta   91.590
_cell.angle_gamma   90.000
#
_symmetry.space_group_name_H-M   'C 1 2 1'
#
loop_
_entity.id
_entity.type
_entity.pdbx_description
1 polymer 'Lin2891 protein'
2 water water
#
_entity_poly.entity_id   1
_entity_poly.type   'polypeptide(L)'
_entity_poly.pdbx_seq_one_letter_code
;G(MSE)ENELEDKILAILEQHQVGVLTSVQGDFPHARY(MSE)TFLHDGLTLYTPSGKELPKTEEVRRNPHVCVLIGYDS
PGSAFLEINGLASLEEDESIKERIWENISKDWFQGEDSPSFVVIKIVPEQIRILNS
;
_entity_poly.pdbx_strand_id   A,B
#
# COMPACT_ATOMS: atom_id res chain seq x y z
N MSE A 2 23.87 1.93 -17.51
CA MSE A 2 23.28 2.96 -16.64
C MSE A 2 22.80 2.28 -15.36
O MSE A 2 21.74 2.61 -14.82
CB MSE A 2 22.09 3.64 -17.32
CG MSE A 2 20.86 2.74 -17.42
SE MSE A 2 19.15 3.67 -17.71
CE MSE A 2 17.93 2.14 -17.49
N GLU A 3 23.56 1.29 -14.93
CA GLU A 3 23.25 0.62 -13.68
C GLU A 3 23.51 1.67 -12.64
N ASN A 4 24.42 2.58 -12.95
CA ASN A 4 24.81 3.62 -11.99
C ASN A 4 23.85 4.81 -11.91
N GLU A 5 23.19 5.15 -12.99
CA GLU A 5 22.16 6.16 -12.96
C GLU A 5 20.91 5.63 -12.27
N LEU A 6 20.70 4.36 -12.38
CA LEU A 6 19.58 3.76 -11.70
C LEU A 6 19.74 3.71 -10.19
N GLU A 7 20.90 3.30 -9.75
CA GLU A 7 21.26 3.23 -8.36
C GLU A 7 21.16 4.60 -7.79
N ASP A 8 21.68 5.55 -8.54
CA ASP A 8 21.63 6.94 -8.13
C ASP A 8 20.22 7.44 -7.99
N LYS A 9 19.30 7.09 -8.90
CA LYS A 9 17.90 7.56 -8.80
C LYS A 9 17.19 6.94 -7.57
N ILE A 10 17.52 5.71 -7.27
CA ILE A 10 16.93 5.01 -6.13
C ILE A 10 17.37 5.68 -4.81
N LEU A 11 18.67 5.92 -4.68
CA LEU A 11 19.20 6.52 -3.46
C LEU A 11 18.59 7.87 -3.26
N ALA A 12 18.41 8.59 -4.35
CA ALA A 12 17.82 9.93 -4.29
C ALA A 12 16.40 9.92 -3.74
N ILE A 13 15.61 8.96 -4.20
CA ILE A 13 14.23 8.83 -3.73
C ILE A 13 14.23 8.50 -2.21
N LEU A 14 15.15 7.64 -1.80
CA LEU A 14 15.26 7.24 -0.42
C LEU A 14 15.75 8.36 0.46
N GLU A 15 16.70 9.13 -0.07
CA GLU A 15 17.24 10.24 0.68
C GLU A 15 16.19 11.31 0.89
N GLN A 16 15.19 11.36 0.02
CA GLN A 16 14.23 12.46 0.08
C GLN A 16 12.88 12.09 0.66
N HIS A 17 12.79 10.86 1.14
CA HIS A 17 11.57 10.33 1.71
C HIS A 17 11.85 9.52 2.95
N GLN A 18 11.09 9.78 3.99
CA GLN A 18 11.22 9.11 5.28
C GLN A 18 10.00 8.29 5.64
N VAL A 19 8.94 8.42 4.86
CA VAL A 19 7.71 7.68 5.10
C VAL A 19 7.45 6.84 3.89
N GLY A 20 7.07 5.61 4.13
CA GLY A 20 6.71 4.65 3.11
C GLY A 20 5.63 3.75 3.63
N VAL A 21 5.25 2.79 2.79
CA VAL A 21 4.21 1.83 3.09
C VAL A 21 4.89 0.45 3.20
N LEU A 22 4.72 -0.19 4.35
CA LEU A 22 5.25 -1.53 4.55
C LEU A 22 4.10 -2.55 4.57
N THR A 23 4.16 -3.48 3.62
CA THR A 23 3.16 -4.51 3.48
C THR A 23 3.77 -5.88 3.76
N SER A 24 2.94 -6.70 4.34
CA SER A 24 3.29 -8.06 4.75
C SER A 24 2.11 -9.00 4.65
N VAL A 25 2.39 -10.26 4.98
CA VAL A 25 1.36 -11.32 4.99
C VAL A 25 1.45 -12.17 6.26
N GLN A 26 0.29 -12.42 6.86
CA GLN A 26 0.17 -13.30 8.03
C GLN A 26 -0.84 -14.33 7.63
N GLY A 27 -0.33 -15.51 7.34
CA GLY A 27 -1.14 -16.62 6.92
C GLY A 27 -1.49 -16.35 5.50
N ASP A 28 -2.78 -16.15 5.26
CA ASP A 28 -3.30 -15.84 3.95
C ASP A 28 -3.86 -14.40 3.94
N PHE A 29 -3.51 -13.62 4.95
CA PHE A 29 -4.01 -12.23 5.12
C PHE A 29 -2.98 -11.13 4.99
N PRO A 30 -3.23 -10.17 4.07
CA PRO A 30 -2.31 -9.06 3.96
C PRO A 30 -2.43 -8.02 5.09
N HIS A 31 -1.31 -7.41 5.37
CA HIS A 31 -1.23 -6.26 6.27
C HIS A 31 -0.43 -5.11 5.59
N ALA A 32 -0.79 -3.90 5.93
CA ALA A 32 -0.17 -2.69 5.37
C ALA A 32 -0.19 -1.61 6.42
N ARG A 33 0.89 -0.87 6.49
CA ARG A 33 0.99 0.26 7.41
C ARG A 33 2.00 1.26 6.91
N TYR A 34 1.76 2.52 7.32
CA TYR A 34 2.70 3.60 7.01
C TYR A 34 3.75 3.51 8.08
N MSE A 35 5.01 3.62 7.66
CA MSE A 35 6.18 3.50 8.53
C MSE A 35 7.16 4.62 8.22
O MSE A 35 7.12 5.22 7.13
CB MSE A 35 6.91 2.16 8.31
CG MSE A 35 6.19 0.85 8.66
SE MSE A 35 5.54 0.70 10.50
CE MSE A 35 6.02 -1.19 10.73
N THR A 36 8.02 4.93 9.19
CA THR A 36 9.14 5.86 9.00
C THR A 36 10.36 5.02 8.70
N PHE A 37 11.02 5.32 7.59
CA PHE A 37 12.18 4.52 7.13
C PHE A 37 13.43 5.31 7.12
N LEU A 38 14.49 4.70 7.64
CA LEU A 38 15.84 5.19 7.47
C LEU A 38 16.46 4.22 6.44
N HIS A 39 17.60 4.55 5.85
CA HIS A 39 18.24 3.63 4.94
C HIS A 39 19.76 3.75 5.05
N ASP A 40 20.42 2.64 4.77
CA ASP A 40 21.86 2.59 4.62
C ASP A 40 22.05 2.00 3.21
N GLY A 41 22.33 2.82 2.21
CA GLY A 41 22.36 2.29 0.86
C GLY A 41 20.93 1.84 0.57
N LEU A 42 20.78 0.64 0.04
CA LEU A 42 19.49 0.12 -0.37
C LEU A 42 18.81 -0.67 0.75
N THR A 43 19.51 -0.81 1.87
CA THR A 43 18.95 -1.50 3.05
C THR A 43 18.10 -0.52 3.86
N LEU A 44 16.90 -0.94 4.22
CA LEU A 44 15.98 -0.05 4.96
C LEU A 44 15.87 -0.47 6.39
N TYR A 45 15.61 0.52 7.23
CA TYR A 45 15.40 0.30 8.68
C TYR A 45 14.20 1.04 9.15
N THR A 46 13.35 0.35 9.89
CA THR A 46 12.18 1.00 10.41
C THR A 46 11.85 0.56 11.82
N PRO A 47 11.62 1.54 12.69
CA PRO A 47 11.25 1.25 14.06
C PRO A 47 9.78 0.93 14.19
N SER A 48 9.49 0.06 15.17
CA SER A 48 8.12 -0.35 15.43
C SER A 48 7.87 -0.44 16.93
N PRO A 53 2.68 -8.00 21.89
CA PRO A 53 2.52 -8.58 23.24
C PRO A 53 3.51 -9.72 23.50
N LYS A 54 4.05 -9.74 24.71
CA LYS A 54 5.02 -10.74 25.13
C LYS A 54 4.28 -12.04 25.44
N THR A 55 2.97 -11.98 25.26
CA THR A 55 2.09 -13.15 25.47
C THR A 55 1.58 -13.66 24.10
N GLU A 56 2.06 -13.09 23.02
CA GLU A 56 1.65 -13.63 21.76
C GLU A 56 2.74 -13.75 20.72
N GLU A 57 2.56 -14.75 19.87
CA GLU A 57 3.47 -14.91 18.75
C GLU A 57 2.74 -15.20 17.44
N VAL A 58 3.32 -14.65 16.39
CA VAL A 58 2.81 -14.75 15.04
C VAL A 58 3.79 -15.53 14.20
N ARG A 59 3.28 -16.38 13.31
CA ARG A 59 4.10 -17.13 12.37
C ARG A 59 4.81 -16.15 11.43
N ARG A 60 6.13 -16.14 11.50
CA ARG A 60 6.95 -15.21 10.71
C ARG A 60 6.97 -15.47 9.21
N ASN A 61 6.70 -14.41 8.47
CA ASN A 61 6.77 -14.37 7.01
C ASN A 61 7.61 -13.14 6.70
N PRO A 62 8.85 -13.35 6.21
CA PRO A 62 9.75 -12.23 6.00
C PRO A 62 9.52 -11.49 4.69
N HIS A 63 8.64 -12.03 3.86
CA HIS A 63 8.36 -11.41 2.58
C HIS A 63 7.57 -10.14 2.70
N VAL A 64 8.23 -9.03 2.37
CA VAL A 64 7.56 -7.77 2.42
C VAL A 64 7.65 -6.97 1.12
N CYS A 65 6.69 -6.06 0.99
CA CYS A 65 6.62 -5.15 -0.13
C CYS A 65 6.56 -3.73 0.42
N VAL A 66 7.52 -2.91 0.01
CA VAL A 66 7.59 -1.55 0.43
C VAL A 66 7.42 -0.59 -0.74
N LEU A 67 6.54 0.39 -0.53
CA LEU A 67 6.34 1.49 -1.49
C LEU A 67 6.85 2.77 -0.85
N ILE A 68 7.79 3.42 -1.53
N ILE A 68 7.78 3.43 -1.53
CA ILE A 68 8.34 4.70 -1.07
CA ILE A 68 8.32 4.69 -1.00
C ILE A 68 8.40 5.71 -2.20
C ILE A 68 8.60 5.74 -2.09
N GLY A 69 8.07 6.95 -1.88
CA GLY A 69 8.25 8.10 -2.80
C GLY A 69 7.08 8.69 -3.51
N TYR A 70 5.93 8.07 -3.37
CA TYR A 70 4.74 8.60 -4.02
C TYR A 70 4.22 9.84 -3.29
N ASP A 71 4.59 11.02 -3.80
CA ASP A 71 4.25 12.33 -3.19
C ASP A 71 3.10 13.07 -3.81
N SER A 72 2.98 12.91 -5.11
CA SER A 72 1.96 13.56 -5.89
C SER A 72 1.76 12.58 -7.00
N PRO A 73 0.73 12.78 -7.82
CA PRO A 73 0.42 11.85 -8.89
C PRO A 73 1.50 11.98 -9.94
N GLY A 74 2.20 13.09 -9.86
CA GLY A 74 3.34 13.35 -10.74
C GLY A 74 4.65 12.93 -10.08
N SER A 75 4.63 11.79 -9.38
CA SER A 75 5.82 11.23 -8.65
C SER A 75 6.33 9.86 -9.12
N ALA A 76 7.65 9.81 -9.32
CA ALA A 76 8.31 8.53 -9.55
C ALA A 76 8.58 7.98 -8.16
N PHE A 77 8.24 6.72 -7.98
CA PHE A 77 8.45 6.06 -6.69
C PHE A 77 9.01 4.68 -6.80
N LEU A 78 9.31 4.13 -5.66
CA LEU A 78 9.91 2.83 -5.59
C LEU A 78 8.97 1.76 -5.09
N GLU A 79 9.01 0.61 -5.74
CA GLU A 79 8.39 -0.60 -5.21
C GLU A 79 9.55 -1.55 -4.91
N ILE A 80 9.66 -1.94 -3.64
CA ILE A 80 10.76 -2.75 -3.17
C ILE A 80 10.20 -4.02 -2.58
N ASN A 81 10.64 -5.14 -3.13
CA ASN A 81 10.27 -6.44 -2.62
C ASN A 81 11.51 -6.94 -1.92
N GLY A 82 11.41 -7.33 -0.64
CA GLY A 82 12.55 -7.87 0.08
C GLY A 82 12.23 -8.71 1.28
N LEU A 83 13.24 -8.94 2.09
CA LEU A 83 13.10 -9.76 3.26
C LEU A 83 13.28 -8.93 4.52
N ALA A 84 12.31 -9.04 5.43
CA ALA A 84 12.33 -8.29 6.66
C ALA A 84 12.82 -9.18 7.77
N SER A 85 13.53 -8.57 8.71
CA SER A 85 14.07 -9.25 9.90
C SER A 85 14.20 -8.22 11.03
N LEU A 86 14.49 -8.69 12.22
CA LEU A 86 14.70 -7.79 13.35
C LEU A 86 16.17 -7.41 13.44
N GLU A 87 16.43 -6.11 13.50
CA GLU A 87 17.80 -5.62 13.65
C GLU A 87 18.20 -5.65 15.13
N GLU A 88 19.27 -6.40 15.45
CA GLU A 88 19.70 -6.59 16.84
C GLU A 88 20.87 -5.72 17.26
N ASP A 89 21.63 -5.21 16.33
CA ASP A 89 22.73 -4.35 16.68
C ASP A 89 22.30 -3.11 17.40
N GLU A 90 22.83 -2.96 18.60
CA GLU A 90 22.46 -1.88 19.51
C GLU A 90 22.93 -0.54 18.96
N SER A 91 24.09 -0.53 18.31
CA SER A 91 24.63 0.71 17.74
C SER A 91 23.77 1.23 16.65
N ILE A 92 23.24 0.31 15.85
CA ILE A 92 22.36 0.67 14.71
C ILE A 92 21.04 1.17 15.27
N LYS A 93 20.51 0.46 16.25
CA LYS A 93 19.26 0.84 16.87
C LYS A 93 19.40 2.23 17.51
N GLU A 94 20.57 2.54 18.03
CA GLU A 94 20.77 3.81 18.68
C GLU A 94 20.85 4.90 17.63
N ARG A 95 21.45 4.57 16.48
CA ARG A 95 21.60 5.56 15.40
C ARG A 95 20.23 5.91 14.86
N ILE A 96 19.34 4.93 14.90
CA ILE A 96 17.96 5.10 14.43
C ILE A 96 17.22 5.97 15.44
N TRP A 97 17.36 5.66 16.71
CA TRP A 97 16.72 6.47 17.75
C TRP A 97 17.19 7.94 17.69
N GLU A 98 18.48 8.14 17.49
CA GLU A 98 19.02 9.51 17.44
C GLU A 98 18.47 10.27 16.24
N ASN A 99 17.94 9.54 15.25
CA ASN A 99 17.39 10.18 14.07
C ASN A 99 15.88 10.26 14.16
N ILE A 100 15.22 9.28 14.77
CA ILE A 100 13.74 9.30 14.82
C ILE A 100 13.20 9.95 16.10
N SER A 101 13.99 9.91 17.17
CA SER A 101 13.55 10.45 18.46
C SER A 101 14.49 11.55 18.89
N LYS A 102 14.30 12.72 18.26
CA LYS A 102 15.15 13.87 18.51
C LYS A 102 15.03 14.55 19.88
N ASP A 103 13.84 14.96 20.29
CA ASP A 103 13.69 15.53 21.62
C ASP A 103 13.72 14.57 22.81
N TRP A 104 13.93 13.28 22.58
CA TRP A 104 13.81 12.32 23.64
C TRP A 104 15.11 11.62 23.98
N PHE A 105 15.21 11.17 25.22
CA PHE A 105 16.35 11.55 25.97
C PHE A 105 16.91 10.24 26.43
N GLN A 106 16.48 9.18 25.81
CA GLN A 106 16.10 8.02 26.56
C GLN A 106 16.98 6.82 26.28
N PHE A 113 11.42 -1.05 21.86
CA PHE A 113 12.01 -0.44 20.64
C PHE A 113 12.60 -1.49 19.75
N VAL A 114 11.82 -1.87 18.76
CA VAL A 114 12.30 -2.81 17.77
C VAL A 114 12.54 -2.07 16.47
N VAL A 115 13.47 -2.60 15.72
CA VAL A 115 13.79 -2.06 14.44
C VAL A 115 13.71 -3.23 13.50
N ILE A 116 12.96 -3.05 12.41
CA ILE A 116 12.80 -4.02 11.32
C ILE A 116 13.83 -3.62 10.27
N LYS A 117 14.62 -4.59 9.83
CA LYS A 117 15.58 -4.41 8.76
C LYS A 117 14.97 -5.02 7.49
N ILE A 118 15.00 -4.26 6.42
CA ILE A 118 14.52 -4.75 5.17
C ILE A 118 15.64 -4.76 4.14
N VAL A 119 15.98 -5.96 3.71
CA VAL A 119 16.95 -6.18 2.68
C VAL A 119 16.21 -6.40 1.35
N PRO A 120 16.50 -5.58 0.36
CA PRO A 120 15.77 -5.72 -0.90
C PRO A 120 16.23 -6.83 -1.82
N GLU A 121 15.30 -7.45 -2.51
CA GLU A 121 15.59 -8.48 -3.52
C GLU A 121 15.25 -7.92 -4.89
N GLN A 122 14.22 -7.10 -4.93
CA GLN A 122 13.89 -6.47 -6.19
C GLN A 122 13.44 -5.05 -5.98
N ILE A 123 13.93 -4.12 -6.80
CA ILE A 123 13.52 -2.71 -6.73
C ILE A 123 13.13 -2.17 -8.09
N ARG A 124 11.94 -1.61 -8.16
CA ARG A 124 11.50 -1.02 -9.40
C ARG A 124 11.20 0.44 -9.19
N ILE A 125 11.54 1.27 -10.17
CA ILE A 125 11.14 2.67 -10.15
C ILE A 125 9.84 2.72 -10.97
N LEU A 126 8.76 3.14 -10.35
CA LEU A 126 7.48 3.19 -11.02
C LEU A 126 7.09 4.64 -11.18
N ASN A 127 6.16 4.93 -12.09
CA ASN A 127 5.86 6.30 -12.29
C ASN A 127 4.37 6.66 -12.25
N GLU B 5 -21.03 9.13 13.89
CA GLU B 5 -20.21 10.20 13.24
C GLU B 5 -18.92 9.56 12.69
N LEU B 6 -18.65 8.34 13.16
CA LEU B 6 -17.48 7.58 12.71
C LEU B 6 -17.62 7.29 11.22
N GLU B 7 -18.82 6.87 10.78
CA GLU B 7 -19.04 6.58 9.34
C GLU B 7 -18.82 7.88 8.65
N ASP B 8 -19.38 8.94 9.24
CA ASP B 8 -19.31 10.25 8.60
C ASP B 8 -17.87 10.62 8.37
N LYS B 9 -17.00 10.30 9.31
CA LYS B 9 -15.58 10.62 9.13
C LYS B 9 -14.93 9.70 8.08
N ILE B 10 -15.36 8.45 8.07
CA ILE B 10 -14.85 7.48 7.10
C ILE B 10 -15.24 7.97 5.72
N LEU B 11 -16.51 8.35 5.56
CA LEU B 11 -17.01 8.78 4.25
C LEU B 11 -16.34 10.02 3.74
N ALA B 12 -16.03 10.92 4.66
CA ALA B 12 -15.39 12.19 4.33
C ALA B 12 -14.02 11.89 3.71
N ILE B 13 -13.31 10.93 4.30
CA ILE B 13 -11.98 10.60 3.82
C ILE B 13 -12.11 9.94 2.41
N LEU B 14 -13.12 9.07 2.26
CA LEU B 14 -13.37 8.41 0.95
C LEU B 14 -13.82 9.43 -0.08
N GLU B 15 -14.55 10.47 0.33
CA GLU B 15 -15.06 11.41 -0.65
C GLU B 15 -13.96 12.28 -1.20
N GLN B 16 -12.93 12.47 -0.38
CA GLN B 16 -11.83 13.34 -0.73
C GLN B 16 -10.64 12.66 -1.31
N HIS B 17 -10.67 11.33 -1.41
CA HIS B 17 -9.52 10.58 -1.96
C HIS B 17 -9.97 9.46 -2.90
N GLN B 18 -9.34 9.43 -4.06
CA GLN B 18 -9.62 8.42 -5.05
C GLN B 18 -8.38 7.56 -5.32
N VAL B 19 -7.25 7.89 -4.72
CA VAL B 19 -6.06 7.04 -4.88
C VAL B 19 -5.74 6.40 -3.53
N GLY B 20 -5.47 5.11 -3.54
CA GLY B 20 -5.11 4.42 -2.34
C GLY B 20 -4.15 3.33 -2.69
N VAL B 21 -3.74 2.59 -1.67
CA VAL B 21 -2.84 1.45 -1.82
C VAL B 21 -3.63 0.16 -1.62
N LEU B 22 -3.65 -0.73 -2.61
CA LEU B 22 -4.25 -2.01 -2.44
C LEU B 22 -3.15 -3.02 -2.12
N THR B 23 -3.32 -3.78 -1.05
CA THR B 23 -2.37 -4.86 -0.77
C THR B 23 -3.14 -6.15 -0.89
N SER B 24 -2.65 -6.98 -1.81
CA SER B 24 -3.20 -8.32 -2.10
C SER B 24 -2.07 -9.34 -1.85
N VAL B 25 -2.43 -10.61 -1.95
CA VAL B 25 -1.55 -11.68 -1.60
C VAL B 25 -1.46 -12.66 -2.75
N GLN B 26 -0.22 -13.04 -3.02
CA GLN B 26 0.08 -14.08 -4.02
C GLN B 26 0.86 -15.18 -3.32
N GLY B 27 0.14 -16.15 -2.78
CA GLY B 27 0.78 -17.24 -2.06
C GLY B 27 1.26 -16.65 -0.77
N ASP B 28 2.57 -16.63 -0.57
CA ASP B 28 3.15 -16.04 0.65
C ASP B 28 3.65 -14.60 0.43
N PHE B 29 3.40 -14.03 -0.73
CA PHE B 29 3.92 -12.70 -1.03
C PHE B 29 2.89 -11.57 -1.03
N PRO B 30 3.20 -10.45 -0.33
CA PRO B 30 2.30 -9.32 -0.43
C PRO B 30 2.61 -8.56 -1.74
N HIS B 31 1.59 -7.98 -2.32
CA HIS B 31 1.78 -7.10 -3.46
C HIS B 31 1.08 -5.80 -3.12
N ALA B 32 1.80 -4.69 -3.11
CA ALA B 32 1.16 -3.42 -2.84
C ALA B 32 1.19 -2.60 -4.12
N ARG B 33 0.06 -1.97 -4.43
CA ARG B 33 -0.03 -1.12 -5.60
C ARG B 33 -0.92 0.07 -5.36
N TYR B 34 -0.55 1.18 -5.98
CA TYR B 34 -1.35 2.39 -5.95
C TYR B 34 -2.40 2.29 -7.03
N MSE B 35 -3.61 2.67 -6.70
CA MSE B 35 -4.63 2.69 -7.71
C MSE B 35 -5.85 3.54 -7.32
O MSE B 35 -5.96 4.06 -6.21
CB MSE B 35 -5.08 1.28 -8.10
CG MSE B 35 -5.73 0.55 -6.91
SE MSE B 35 -6.02 -1.33 -7.17
CE MSE B 35 -4.09 -1.82 -7.13
N THR B 36 -6.73 3.68 -8.30
CA THR B 36 -7.95 4.50 -8.17
C THR B 36 -9.05 3.63 -7.58
N PHE B 37 -9.69 4.24 -6.59
CA PHE B 37 -10.83 3.71 -5.89
C PHE B 37 -12.04 4.63 -6.01
N LEU B 38 -13.15 4.07 -6.48
CA LEU B 38 -14.46 4.72 -6.40
C LEU B 38 -15.15 4.09 -5.17
N HIS B 39 -16.17 4.73 -4.63
CA HIS B 39 -16.93 4.10 -3.56
C HIS B 39 -18.40 4.43 -3.70
N ASP B 40 -19.16 3.55 -3.11
CA ASP B 40 -20.58 3.64 -3.00
C ASP B 40 -20.81 3.32 -1.55
N GLY B 41 -20.98 4.36 -0.76
CA GLY B 41 -21.09 4.11 0.66
C GLY B 41 -19.71 3.62 1.06
N LEU B 42 -19.68 2.62 1.93
CA LEU B 42 -18.39 2.08 2.39
C LEU B 42 -17.88 0.94 1.49
N THR B 43 -18.61 0.67 0.41
CA THR B 43 -18.12 -0.31 -0.60
C THR B 43 -17.15 0.36 -1.60
N LEU B 44 -16.00 -0.26 -1.80
CA LEU B 44 -15.00 0.25 -2.72
C LEU B 44 -14.97 -0.56 -4.03
N TYR B 45 -14.61 0.14 -5.09
CA TYR B 45 -14.53 -0.45 -6.44
C TYR B 45 -13.24 0.07 -7.05
N THR B 46 -12.49 -0.84 -7.65
CA THR B 46 -11.31 -0.41 -8.35
C THR B 46 -11.25 -1.17 -9.72
N PRO B 47 -10.89 -0.43 -10.80
CA PRO B 47 -10.78 -1.00 -12.14
C PRO B 47 -9.65 -1.94 -12.32
N SER B 48 -9.84 -2.90 -13.21
CA SER B 48 -8.75 -3.83 -13.51
C SER B 48 -8.96 -4.47 -14.88
N GLY B 49 -8.04 -5.32 -15.31
CA GLY B 49 -8.16 -6.05 -16.56
C GLY B 49 -8.26 -7.52 -16.21
N LYS B 50 -8.95 -8.28 -17.05
CA LYS B 50 -9.16 -9.72 -16.81
C LYS B 50 -7.89 -10.51 -16.61
N GLU B 51 -6.87 -10.09 -17.34
CA GLU B 51 -5.58 -10.78 -17.31
C GLU B 51 -4.52 -10.16 -16.41
N LEU B 52 -4.84 -9.09 -15.69
CA LEU B 52 -3.84 -8.47 -14.83
C LEU B 52 -3.57 -9.32 -13.61
N PRO B 53 -2.34 -9.30 -13.10
CA PRO B 53 -1.98 -10.03 -11.89
C PRO B 53 -2.90 -9.69 -10.70
N LYS B 54 -3.26 -8.44 -10.48
CA LYS B 54 -4.07 -8.12 -9.30
C LYS B 54 -5.44 -8.77 -9.37
N THR B 55 -5.96 -8.95 -10.58
CA THR B 55 -7.21 -9.63 -10.76
C THR B 55 -7.12 -11.10 -10.41
N GLU B 56 -6.05 -11.77 -10.87
CA GLU B 56 -5.84 -13.17 -10.53
C GLU B 56 -5.54 -13.37 -9.05
N GLU B 57 -4.85 -12.41 -8.45
CA GLU B 57 -4.56 -12.50 -7.04
C GLU B 57 -5.85 -12.57 -6.23
N VAL B 58 -6.76 -11.63 -6.53
CA VAL B 58 -8.10 -11.53 -5.89
C VAL B 58 -8.97 -12.79 -6.10
N ARG B 59 -8.93 -13.38 -7.31
CA ARG B 59 -9.67 -14.57 -7.59
C ARG B 59 -9.24 -15.68 -6.69
N ARG B 60 -7.95 -15.74 -6.39
CA ARG B 60 -7.38 -16.84 -5.62
C ARG B 60 -7.31 -16.57 -4.11
N ASN B 61 -7.28 -15.30 -3.74
CA ASN B 61 -7.28 -14.93 -2.30
C ASN B 61 -8.03 -13.59 -2.17
N PRO B 62 -9.27 -13.61 -1.63
CA PRO B 62 -10.10 -12.41 -1.53
C PRO B 62 -9.70 -11.39 -0.46
N HIS B 63 -8.73 -11.76 0.38
CA HIS B 63 -8.35 -10.90 1.49
C HIS B 63 -7.42 -9.79 1.01
N VAL B 64 -7.91 -8.58 1.18
CA VAL B 64 -7.17 -7.38 0.79
C VAL B 64 -7.15 -6.37 1.91
N CYS B 65 -6.12 -5.54 1.89
CA CYS B 65 -6.01 -4.46 2.81
C CYS B 65 -5.87 -3.16 1.98
N VAL B 66 -6.70 -2.15 2.24
CA VAL B 66 -6.57 -0.83 1.56
C VAL B 66 -6.18 0.29 2.53
N LEU B 67 -5.21 1.08 2.13
CA LEU B 67 -4.81 2.27 2.83
C LEU B 67 -5.19 3.41 1.90
N ILE B 68 -5.93 4.35 2.47
CA ILE B 68 -6.42 5.49 1.73
C ILE B 68 -6.59 6.68 2.60
N GLY B 69 -6.12 7.83 2.09
CA GLY B 69 -6.33 9.10 2.75
C GLY B 69 -5.11 9.80 3.32
N TYR B 70 -3.95 9.17 3.19
CA TYR B 70 -2.72 9.71 3.72
C TYR B 70 -2.12 10.79 2.76
N ASP B 71 -2.32 12.05 3.12
CA ASP B 71 -1.88 13.21 2.32
C ASP B 71 -0.53 13.75 2.80
N SER B 72 -0.38 13.75 4.12
CA SER B 72 0.80 14.21 4.83
C SER B 72 0.93 13.50 6.18
N PRO B 73 2.06 13.72 6.86
CA PRO B 73 2.23 13.02 8.14
C PRO B 73 1.11 13.25 9.17
N GLY B 74 0.35 14.34 9.05
CA GLY B 74 -0.74 14.65 9.99
C GLY B 74 -2.15 14.25 9.56
N SER B 75 -2.29 13.72 8.35
CA SER B 75 -3.57 13.27 7.81
C SER B 75 -4.17 12.11 8.61
N ALA B 76 -5.47 12.19 8.91
CA ALA B 76 -6.18 11.02 9.44
C ALA B 76 -6.45 10.22 8.16
N PHE B 77 -6.29 8.91 8.24
CA PHE B 77 -6.49 8.06 7.08
C PHE B 77 -7.12 6.77 7.48
N LEU B 78 -7.41 5.95 6.48
CA LEU B 78 -8.10 4.71 6.71
C LEU B 78 -7.28 3.49 6.39
N GLU B 79 -7.44 2.51 7.27
CA GLU B 79 -6.96 1.16 7.03
C GLU B 79 -8.21 0.29 6.92
N ILE B 80 -8.42 -0.29 5.75
CA ILE B 80 -9.59 -1.11 5.44
C ILE B 80 -9.20 -2.56 5.10
N ASN B 81 -9.70 -3.53 5.88
CA ASN B 81 -9.43 -4.96 5.60
C ASN B 81 -10.75 -5.46 5.13
N GLY B 82 -10.71 -6.07 3.95
CA GLY B 82 -11.93 -6.49 3.30
C GLY B 82 -11.79 -7.69 2.39
N LEU B 83 -12.90 -8.03 1.80
CA LEU B 83 -13.02 -9.13 0.91
C LEU B 83 -13.30 -8.62 -0.47
N ALA B 84 -12.41 -9.00 -1.39
CA ALA B 84 -12.45 -8.56 -2.77
C ALA B 84 -12.97 -9.67 -3.66
N SER B 85 -13.73 -9.22 -4.65
CA SER B 85 -14.38 -10.05 -5.66
C SER B 85 -14.56 -9.28 -6.94
N LEU B 86 -14.80 -10.01 -8.01
CA LEU B 86 -15.02 -9.38 -9.30
C LEU B 86 -16.51 -9.10 -9.40
N GLU B 87 -16.82 -7.83 -9.68
CA GLU B 87 -18.19 -7.34 -9.81
C GLU B 87 -18.82 -8.01 -11.00
N GLU B 88 -20.00 -8.57 -10.79
CA GLU B 88 -20.72 -9.32 -11.83
C GLU B 88 -21.91 -8.59 -12.38
N ASP B 89 -22.30 -7.51 -11.73
CA ASP B 89 -23.46 -6.72 -12.20
C ASP B 89 -22.96 -5.80 -13.30
N GLU B 90 -23.49 -6.07 -14.48
CA GLU B 90 -23.09 -5.40 -15.68
C GLU B 90 -23.42 -3.92 -15.66
N SER B 91 -24.50 -3.55 -14.99
CA SER B 91 -24.83 -2.13 -14.91
C SER B 91 -23.79 -1.41 -14.02
N ILE B 92 -23.29 -2.09 -12.99
CA ILE B 92 -22.29 -1.48 -12.09
C ILE B 92 -20.95 -1.38 -12.85
N LYS B 93 -20.64 -2.43 -13.61
CA LYS B 93 -19.41 -2.40 -14.37
C LYS B 93 -19.38 -1.26 -15.39
N GLU B 94 -20.50 -1.06 -16.07
CA GLU B 94 -20.65 -0.04 -17.14
C GLU B 94 -20.63 1.35 -16.55
N ARG B 95 -21.26 1.49 -15.39
CA ARG B 95 -21.23 2.75 -14.70
C ARG B 95 -19.80 3.17 -14.30
N ILE B 96 -19.07 2.27 -13.66
CA ILE B 96 -17.72 2.48 -13.27
C ILE B 96 -16.88 2.79 -14.54
N TRP B 97 -17.10 2.03 -15.62
CA TRP B 97 -16.38 2.23 -16.87
C TRP B 97 -16.56 3.68 -17.36
N GLU B 98 -17.79 4.13 -17.33
CA GLU B 98 -18.14 5.46 -17.80
C GLU B 98 -17.56 6.54 -16.91
N ASN B 99 -17.47 6.26 -15.62
N ASN B 99 -17.49 6.26 -15.61
CA ASN B 99 -16.87 7.24 -14.71
CA ASN B 99 -16.91 7.22 -14.65
C ASN B 99 -15.36 7.32 -14.92
C ASN B 99 -15.37 7.31 -14.85
N ILE B 100 -14.72 6.17 -15.05
CA ILE B 100 -13.28 6.11 -15.28
C ILE B 100 -12.83 6.75 -16.61
N SER B 101 -13.60 6.50 -17.69
CA SER B 101 -13.23 6.91 -19.05
C SER B 101 -13.93 8.17 -19.53
N LYS B 102 -14.48 8.91 -18.58
CA LYS B 102 -15.35 10.02 -18.93
C LYS B 102 -14.66 11.06 -19.83
N ASP B 103 -13.37 11.33 -19.58
CA ASP B 103 -12.64 12.32 -20.38
C ASP B 103 -12.57 11.96 -21.88
N TRP B 104 -12.73 10.67 -22.22
CA TRP B 104 -12.64 10.19 -23.62
C TRP B 104 -13.73 9.22 -24.07
N PHE B 105 -14.59 8.82 -23.14
CA PHE B 105 -15.63 7.84 -23.43
C PHE B 105 -16.61 8.32 -24.48
N GLN B 106 -16.78 7.52 -25.52
CA GLN B 106 -17.77 7.83 -26.55
C GLN B 106 -18.60 6.59 -26.94
N GLY B 107 -18.82 5.72 -25.97
CA GLY B 107 -19.65 4.54 -26.19
C GLY B 107 -18.96 3.22 -26.45
N GLU B 108 -17.65 3.22 -26.59
CA GLU B 108 -16.93 1.99 -26.74
C GLU B 108 -16.94 1.19 -25.45
N ASP B 109 -16.83 -0.09 -25.55
CA ASP B 109 -16.57 -0.84 -24.36
C ASP B 109 -15.38 -1.71 -24.54
N SER B 110 -14.91 -2.25 -23.45
CA SER B 110 -13.62 -2.82 -23.43
C SER B 110 -13.85 -4.19 -22.87
N PRO B 111 -13.59 -5.22 -23.64
CA PRO B 111 -13.95 -6.58 -23.20
C PRO B 111 -13.08 -7.09 -22.05
N SER B 112 -11.91 -6.51 -21.90
CA SER B 112 -11.01 -6.99 -20.89
C SER B 112 -11.22 -6.24 -19.58
N PHE B 113 -12.10 -5.26 -19.58
CA PHE B 113 -12.39 -4.43 -18.41
C PHE B 113 -13.15 -5.22 -17.31
N VAL B 114 -12.67 -5.06 -16.09
N VAL B 114 -12.62 -5.08 -16.10
CA VAL B 114 -13.30 -5.71 -14.96
CA VAL B 114 -13.09 -5.79 -14.92
C VAL B 114 -13.24 -4.75 -13.81
C VAL B 114 -13.11 -4.83 -13.73
N VAL B 115 -14.06 -5.04 -12.81
CA VAL B 115 -14.15 -4.22 -11.63
C VAL B 115 -13.97 -5.12 -10.40
N ILE B 116 -13.03 -4.71 -9.56
CA ILE B 116 -12.80 -5.30 -8.26
C ILE B 116 -13.63 -4.56 -7.23
N LYS B 117 -14.53 -5.33 -6.63
CA LYS B 117 -15.43 -4.85 -5.59
C LYS B 117 -14.79 -5.20 -4.28
N ILE B 118 -14.74 -4.25 -3.37
CA ILE B 118 -14.20 -4.54 -2.05
C ILE B 118 -15.21 -4.24 -0.98
N VAL B 119 -15.59 -5.30 -0.27
CA VAL B 119 -16.52 -5.23 0.86
C VAL B 119 -15.73 -5.14 2.17
N PRO B 120 -15.82 -4.02 2.86
CA PRO B 120 -15.02 -3.90 4.09
C PRO B 120 -15.48 -4.75 5.24
N GLU B 121 -14.54 -5.31 5.99
CA GLU B 121 -14.89 -6.15 7.15
C GLU B 121 -14.51 -5.39 8.41
N GLN B 122 -13.47 -4.60 8.27
CA GLN B 122 -12.96 -3.75 9.35
C GLN B 122 -12.41 -2.48 8.77
N ILE B 123 -12.75 -1.35 9.39
CA ILE B 123 -12.20 -0.05 9.00
C ILE B 123 -11.72 0.67 10.19
N ARG B 124 -10.41 1.02 10.18
CA ARG B 124 -9.81 1.75 11.26
C ARG B 124 -9.38 3.11 10.74
N ILE B 125 -9.69 4.14 11.52
CA ILE B 125 -9.20 5.48 11.20
C ILE B 125 -7.97 5.62 12.03
N LEU B 126 -6.88 5.84 11.32
CA LEU B 126 -5.60 6.01 11.91
C LEU B 126 -5.15 7.46 11.84
N ASN B 127 -4.28 7.83 12.80
CA ASN B 127 -3.70 9.16 12.90
C ASN B 127 -4.78 10.23 13.05
N SER B 128 -5.85 9.86 13.77
CA SER B 128 -6.94 10.83 13.97
C SER B 128 -6.60 11.82 15.05
#